data_1OXC
#
_entry.id   1OXC
#
_cell.length_a   49.088
_cell.length_b   73.058
_cell.length_c   99.889
_cell.angle_alpha   90.00
_cell.angle_beta   90.00
_cell.angle_gamma   90.00
#
_symmetry.space_group_name_H-M   'P 21 21 21'
#
loop_
_entity.id
_entity.type
_entity.pdbx_description
1 polymer 'hypothetical protein LecB'
2 non-polymer beta-L-fucopyranose
3 non-polymer alpha-L-fucopyranose
4 non-polymer 'CALCIUM ION'
5 non-polymer 'SULFATE ION'
6 water water
#
_entity_poly.entity_id   1
_entity_poly.type   'polypeptide(L)'
_entity_poly.pdbx_seq_one_letter_code
;ATQGVFTLPANTRFGVTAFANSSGTQTVNVLVNNETAATFSGQSTNNAVIGTQVLNSGSSGKVQVQVSVNGRPSDLVSAQ
VILTNELNFALVGSEDGTDNDYNDAVVVINWPLG
;
_entity_poly.pdbx_strand_id   A,B,C,D
#
# COMPACT_ATOMS: atom_id res chain seq x y z
N ALA A 1 -5.68 1.96 -16.58
CA ALA A 1 -6.41 0.90 -15.83
C ALA A 1 -7.58 1.48 -15.06
N THR A 2 -8.56 0.65 -14.77
CA THR A 2 -9.72 1.06 -14.03
C THR A 2 -9.28 1.45 -12.62
N GLN A 3 -9.89 2.50 -12.08
CA GLN A 3 -9.56 2.97 -10.74
C GLN A 3 -10.85 3.28 -10.00
N GLY A 4 -10.78 3.27 -8.66
CA GLY A 4 -11.95 3.58 -7.88
C GLY A 4 -12.95 2.46 -7.68
N VAL A 5 -12.60 1.26 -8.13
CA VAL A 5 -13.47 0.09 -7.99
C VAL A 5 -12.81 -0.90 -7.04
N PHE A 6 -13.58 -1.35 -6.05
CA PHE A 6 -13.06 -2.26 -5.03
C PHE A 6 -14.02 -3.41 -4.76
N THR A 7 -13.49 -4.60 -4.57
CA THR A 7 -14.33 -5.73 -4.23
C THR A 7 -14.19 -5.97 -2.74
N LEU A 8 -15.23 -5.62 -2.00
CA LEU A 8 -15.25 -5.83 -0.56
C LEU A 8 -15.98 -7.12 -0.30
N PRO A 9 -15.88 -7.64 0.93
CA PRO A 9 -16.61 -8.87 1.21
C PRO A 9 -18.08 -8.49 1.02
N ALA A 10 -18.91 -9.43 0.60
CA ALA A 10 -20.32 -9.15 0.35
C ALA A 10 -21.14 -8.86 1.61
N ASN A 11 -22.23 -8.12 1.42
CA ASN A 11 -23.16 -7.77 2.49
C ASN A 11 -22.41 -7.35 3.76
N THR A 12 -21.40 -6.50 3.59
CA THR A 12 -20.58 -6.05 4.70
C THR A 12 -20.59 -4.53 4.83
N ARG A 13 -20.63 -4.05 6.07
CA ARG A 13 -20.63 -2.61 6.29
C ARG A 13 -19.24 -2.03 6.15
N PHE A 14 -19.18 -0.83 5.59
CA PHE A 14 -17.91 -0.15 5.42
C PHE A 14 -18.14 1.34 5.57
N GLY A 15 -17.08 2.05 5.93
CA GLY A 15 -17.19 3.48 6.09
C GLY A 15 -16.62 4.13 4.85
N VAL A 16 -17.21 5.24 4.44
CA VAL A 16 -16.71 6.00 3.30
C VAL A 16 -16.71 7.45 3.73
N THR A 17 -15.55 8.08 3.59
CA THR A 17 -15.37 9.46 4.01
C THR A 17 -14.63 10.22 2.92
N ALA A 18 -15.07 11.44 2.64
CA ALA A 18 -14.45 12.25 1.60
C ALA A 18 -13.95 13.58 2.15
N PHE A 19 -12.78 13.99 1.69
CA PHE A 19 -12.14 15.25 2.07
C PHE A 19 -11.97 16.07 0.80
N ALA A 20 -12.08 17.40 0.90
CA ALA A 20 -11.93 18.25 -0.27
C ALA A 20 -10.73 19.19 -0.19
N ASN A 21 -10.06 19.37 -1.32
CA ASN A 21 -8.89 20.25 -1.43
C ASN A 21 -8.90 20.84 -2.83
N SER A 22 -9.84 21.74 -3.09
CA SER A 22 -9.95 22.34 -4.41
C SER A 22 -10.90 23.54 -4.40
N SER A 23 -10.75 24.41 -5.39
CA SER A 23 -11.62 25.56 -5.52
C SER A 23 -12.97 25.08 -6.06
N GLY A 24 -12.97 23.89 -6.67
CA GLY A 24 -14.20 23.36 -7.23
C GLY A 24 -15.01 22.54 -6.24
N THR A 25 -16.33 22.61 -6.36
CA THR A 25 -17.21 21.85 -5.50
C THR A 25 -17.14 20.40 -5.95
N GLN A 26 -16.82 19.52 -5.02
CA GLN A 26 -16.67 18.10 -5.30
C GLN A 26 -17.95 17.32 -5.11
N THR A 27 -18.24 16.42 -6.05
CA THR A 27 -19.41 15.56 -5.95
C THR A 27 -18.84 14.15 -5.98
N VAL A 28 -19.00 13.45 -4.86
CA VAL A 28 -18.50 12.09 -4.73
C VAL A 28 -19.65 11.12 -4.71
N ASN A 29 -19.71 10.25 -5.71
CA ASN A 29 -20.75 9.25 -5.81
C ASN A 29 -20.17 7.89 -5.42
N VAL A 30 -20.91 7.16 -4.61
CA VAL A 30 -20.50 5.84 -4.19
C VAL A 30 -21.56 4.88 -4.68
N LEU A 31 -21.16 3.96 -5.55
CA LEU A 31 -22.09 2.98 -6.10
C LEU A 31 -21.86 1.63 -5.45
N VAL A 32 -22.94 0.97 -5.08
CA VAL A 32 -22.88 -0.35 -4.48
C VAL A 32 -23.74 -1.27 -5.32
N ASN A 33 -23.15 -2.36 -5.79
CA ASN A 33 -23.83 -3.34 -6.62
C ASN A 33 -24.47 -2.63 -7.82
N ASN A 34 -23.70 -1.71 -8.40
CA ASN A 34 -24.09 -0.94 -9.57
C ASN A 34 -25.26 0.03 -9.42
N GLU A 35 -25.47 0.52 -8.20
CA GLU A 35 -26.54 1.47 -7.94
C GLU A 35 -25.97 2.55 -7.03
N THR A 36 -26.30 3.82 -7.29
CA THR A 36 -25.80 4.90 -6.46
C THR A 36 -26.35 4.70 -5.05
N ALA A 37 -25.45 4.59 -4.08
CA ALA A 37 -25.83 4.38 -2.68
C ALA A 37 -25.64 5.62 -1.83
N ALA A 38 -24.67 6.45 -2.18
CA ALA A 38 -24.41 7.67 -1.42
C ALA A 38 -23.78 8.72 -2.33
N THR A 39 -24.04 9.99 -2.01
CA THR A 39 -23.48 11.09 -2.77
C THR A 39 -23.11 12.19 -1.79
N PHE A 40 -21.85 12.60 -1.82
CA PHE A 40 -21.37 13.67 -0.95
C PHE A 40 -21.06 14.85 -1.86
N SER A 41 -21.29 16.05 -1.35
CA SER A 41 -21.00 17.25 -2.11
C SER A 41 -20.50 18.31 -1.13
N GLY A 42 -19.43 19.00 -1.51
CA GLY A 42 -18.90 20.03 -0.65
C GLY A 42 -17.71 20.71 -1.27
N GLN A 43 -17.23 21.76 -0.61
CA GLN A 43 -16.10 22.51 -1.10
C GLN A 43 -15.19 22.91 0.05
N SER A 44 -13.89 22.74 -0.16
CA SER A 44 -12.89 23.08 0.82
C SER A 44 -11.53 23.06 0.16
N THR A 45 -10.65 23.94 0.61
CA THR A 45 -9.28 23.95 0.12
C THR A 45 -8.41 23.64 1.33
N ASN A 46 -9.05 23.15 2.39
CA ASN A 46 -8.32 22.84 3.62
C ASN A 46 -8.61 21.46 4.19
N ASN A 47 -8.90 20.51 3.32
CA ASN A 47 -9.11 19.11 3.71
C ASN A 47 -10.32 18.83 4.59
N ALA A 48 -11.32 19.70 4.56
CA ALA A 48 -12.51 19.46 5.37
C ALA A 48 -13.27 18.25 4.86
N VAL A 49 -13.88 17.52 5.78
CA VAL A 49 -14.69 16.37 5.42
C VAL A 49 -15.94 16.92 4.75
N ILE A 50 -16.30 16.37 3.59
CA ILE A 50 -17.50 16.83 2.91
C ILE A 50 -18.59 15.77 2.97
N GLY A 51 -18.28 14.65 3.63
CA GLY A 51 -19.24 13.59 3.79
C GLY A 51 -18.61 12.36 4.41
N THR A 52 -19.38 11.65 5.23
CA THR A 52 -18.92 10.41 5.84
C THR A 52 -20.18 9.62 6.13
N GLN A 53 -20.16 8.34 5.80
CA GLN A 53 -21.34 7.51 5.99
C GLN A 53 -20.96 6.04 6.07
N VAL A 54 -21.87 5.25 6.64
CA VAL A 54 -21.67 3.82 6.75
C VAL A 54 -22.62 3.18 5.73
N LEU A 55 -22.06 2.35 4.85
CA LEU A 55 -22.85 1.70 3.81
C LEU A 55 -22.65 0.19 3.87
N ASN A 56 -23.46 -0.53 3.09
CA ASN A 56 -23.38 -1.98 3.00
C ASN A 56 -22.89 -2.30 1.60
N SER A 57 -21.90 -3.18 1.49
CA SER A 57 -21.30 -3.54 0.20
C SER A 57 -22.18 -4.27 -0.82
N GLY A 58 -23.36 -4.71 -0.42
CA GLY A 58 -24.24 -5.39 -1.36
C GLY A 58 -23.91 -6.85 -1.65
N SER A 59 -24.72 -7.45 -2.51
CA SER A 59 -24.56 -8.87 -2.85
C SER A 59 -23.24 -9.25 -3.51
N SER A 60 -22.70 -8.38 -4.35
CA SER A 60 -21.44 -8.68 -5.04
C SER A 60 -20.22 -8.16 -4.28
N GLY A 61 -20.44 -7.18 -3.41
CA GLY A 61 -19.33 -6.58 -2.67
C GLY A 61 -18.65 -5.51 -3.49
N LYS A 62 -19.14 -5.31 -4.71
CA LYS A 62 -18.56 -4.29 -5.60
C LYS A 62 -18.92 -2.89 -5.17
N VAL A 63 -17.90 -2.09 -4.88
CA VAL A 63 -18.08 -0.71 -4.49
C VAL A 63 -17.29 0.15 -5.45
N GLN A 64 -17.91 1.17 -6.00
CA GLN A 64 -17.23 2.05 -6.93
C GLN A 64 -17.39 3.50 -6.53
N VAL A 65 -16.28 4.24 -6.61
CA VAL A 65 -16.25 5.65 -6.29
C VAL A 65 -16.05 6.45 -7.56
N GLN A 66 -16.86 7.48 -7.74
CA GLN A 66 -16.74 8.36 -8.91
C GLN A 66 -16.77 9.79 -8.39
N VAL A 67 -15.92 10.64 -8.94
CA VAL A 67 -15.85 12.02 -8.51
C VAL A 67 -16.00 12.96 -9.70
N SER A 68 -16.80 13.99 -9.52
CA SER A 68 -17.00 14.97 -10.57
C SER A 68 -17.12 16.37 -9.98
N VAL A 69 -16.86 17.36 -10.82
CA VAL A 69 -16.96 18.75 -10.42
C VAL A 69 -17.86 19.41 -11.45
N ASN A 70 -19.04 19.87 -11.02
CA ASN A 70 -19.99 20.50 -11.94
C ASN A 70 -20.31 19.60 -13.12
N GLY A 71 -20.42 18.30 -12.86
CA GLY A 71 -20.75 17.36 -13.92
C GLY A 71 -19.57 16.80 -14.70
N ARG A 72 -18.38 17.34 -14.49
CA ARG A 72 -17.19 16.88 -15.21
C ARG A 72 -16.43 15.83 -14.38
N PRO A 73 -16.26 14.62 -14.93
CA PRO A 73 -15.55 13.54 -14.22
C PRO A 73 -14.09 13.85 -13.94
N SER A 74 -13.67 13.57 -12.71
CA SER A 74 -12.28 13.77 -12.31
C SER A 74 -11.51 12.48 -12.58
N ASP A 75 -10.22 12.61 -12.87
CA ASP A 75 -9.40 11.43 -13.09
C ASP A 75 -9.10 10.83 -11.72
N LEU A 76 -9.17 9.51 -11.61
CA LEU A 76 -8.94 8.85 -10.34
C LEU A 76 -7.68 8.01 -10.23
N VAL A 77 -7.21 7.87 -8.99
CA VAL A 77 -6.08 7.01 -8.67
C VAL A 77 -6.56 6.29 -7.42
N SER A 78 -6.20 5.02 -7.29
CA SER A 78 -6.68 4.25 -6.15
C SER A 78 -5.83 3.02 -5.87
N ALA A 79 -6.04 2.45 -4.68
CA ALA A 79 -5.37 1.23 -4.28
C ALA A 79 -6.03 0.75 -3.00
N GLN A 80 -5.85 -0.53 -2.70
CA GLN A 80 -6.38 -1.11 -1.47
C GLN A 80 -5.17 -1.62 -0.69
N VAL A 81 -5.18 -1.38 0.63
CA VAL A 81 -4.09 -1.82 1.49
C VAL A 81 -4.70 -2.61 2.65
N ILE A 82 -4.07 -3.72 2.98
CA ILE A 82 -4.55 -4.56 4.07
C ILE A 82 -3.43 -4.71 5.10
N LEU A 83 -3.75 -4.37 6.35
CA LEU A 83 -2.79 -4.46 7.44
C LEU A 83 -3.15 -5.65 8.32
N THR A 84 -2.10 -6.33 8.79
CA THR A 84 -2.18 -7.53 9.61
C THR A 84 -3.25 -8.51 9.13
N ASN A 85 -3.33 -8.61 7.80
CA ASN A 85 -4.23 -9.54 7.12
C ASN A 85 -5.69 -9.41 7.53
N GLU A 86 -6.10 -8.22 7.96
CA GLU A 86 -7.48 -8.06 8.42
C GLU A 86 -8.07 -6.64 8.32
N LEU A 87 -7.24 -5.61 8.47
CA LEU A 87 -7.72 -4.22 8.43
C LEU A 87 -7.58 -3.68 7.01
N ASN A 88 -8.70 -3.25 6.42
CA ASN A 88 -8.70 -2.78 5.05
C ASN A 88 -8.94 -1.31 4.78
N PHE A 89 -8.20 -0.78 3.83
CA PHE A 89 -8.31 0.60 3.39
C PHE A 89 -8.43 0.60 1.87
N ALA A 90 -9.47 1.25 1.35
CA ALA A 90 -9.64 1.40 -0.08
C ALA A 90 -9.49 2.92 -0.23
N LEU A 91 -8.46 3.34 -0.94
CA LEU A 91 -8.13 4.75 -1.08
C LEU A 91 -8.31 5.30 -2.48
N VAL A 92 -8.83 6.51 -2.55
CA VAL A 92 -9.05 7.16 -3.83
C VAL A 92 -8.62 8.62 -3.80
N GLY A 93 -7.89 9.01 -4.86
CA GLY A 93 -7.47 10.38 -5.02
C GLY A 93 -8.13 10.79 -6.34
N SER A 94 -8.34 12.09 -6.54
CA SER A 94 -8.96 12.55 -7.77
C SER A 94 -8.43 13.91 -8.18
N GLU A 95 -8.37 14.13 -9.49
CA GLU A 95 -7.87 15.37 -10.04
C GLU A 95 -8.93 16.02 -10.92
N ASP A 96 -9.32 17.23 -10.55
CA ASP A 96 -10.34 17.97 -11.30
C ASP A 96 -9.75 19.03 -12.22
N GLY A 97 -8.42 19.14 -12.22
CA GLY A 97 -7.77 20.14 -13.04
C GLY A 97 -6.53 19.67 -13.76
N THR A 98 -5.46 20.46 -13.67
CA THR A 98 -4.22 20.13 -14.34
C THR A 98 -2.95 20.18 -13.48
N ASP A 99 -3.08 20.56 -12.21
CA ASP A 99 -1.88 20.62 -11.36
C ASP A 99 -1.47 19.24 -10.86
N ASN A 100 -2.35 18.26 -11.06
CA ASN A 100 -2.12 16.89 -10.68
C ASN A 100 -1.69 16.61 -9.25
N ASP A 101 -2.34 17.25 -8.29
CA ASP A 101 -2.03 16.96 -6.90
C ASP A 101 -2.93 15.81 -6.44
N TYR A 102 -3.94 15.49 -7.26
CA TYR A 102 -4.86 14.38 -6.99
C TYR A 102 -5.49 14.31 -5.61
N ASN A 103 -5.66 15.47 -4.99
CA ASN A 103 -6.25 15.54 -3.64
C ASN A 103 -7.53 16.35 -3.66
N ASP A 104 -8.00 16.72 -4.85
CA ASP A 104 -9.18 17.56 -4.96
C ASP A 104 -10.35 16.99 -4.19
N ALA A 105 -10.49 15.67 -4.27
CA ALA A 105 -11.46 14.92 -3.50
C ALA A 105 -10.67 13.68 -3.12
N VAL A 106 -10.48 13.47 -1.83
CA VAL A 106 -9.76 12.30 -1.33
C VAL A 106 -10.82 11.46 -0.64
N VAL A 107 -10.89 10.19 -1.01
CA VAL A 107 -11.90 9.31 -0.44
C VAL A 107 -11.26 8.12 0.24
N VAL A 108 -11.68 7.88 1.47
CA VAL A 108 -11.18 6.78 2.25
C VAL A 108 -12.32 5.84 2.60
N ILE A 109 -12.17 4.57 2.22
CA ILE A 109 -13.14 3.54 2.52
C ILE A 109 -12.43 2.61 3.50
N ASN A 110 -13.06 2.31 4.63
CA ASN A 110 -12.43 1.44 5.59
C ASN A 110 -13.38 0.38 6.13
N TRP A 111 -12.84 -0.80 6.38
CA TRP A 111 -13.61 -1.89 6.95
C TRP A 111 -12.60 -2.85 7.56
N PRO A 112 -13.03 -3.66 8.54
CA PRO A 112 -14.38 -3.71 9.08
C PRO A 112 -14.66 -2.55 10.03
N LEU A 113 -15.94 -2.39 10.36
CA LEU A 113 -16.37 -1.36 11.30
C LEU A 113 -16.83 -2.10 12.55
N GLY A 114 -17.21 -1.34 13.58
CA GLY A 114 -17.72 -1.91 14.81
C GLY A 114 -16.72 -2.33 15.86
N ALA B 1 8.17 -4.51 15.26
CA ALA B 1 8.71 -3.29 14.58
C ALA B 1 7.90 -2.07 14.98
N THR B 2 8.55 -0.92 14.95
CA THR B 2 7.90 0.34 15.28
C THR B 2 6.77 0.59 14.28
N GLN B 3 5.64 1.09 14.78
CA GLN B 3 4.49 1.38 13.94
C GLN B 3 3.94 2.76 14.30
N GLY B 4 3.26 3.40 13.36
CA GLY B 4 2.69 4.71 13.63
C GLY B 4 3.64 5.89 13.48
N VAL B 5 4.84 5.65 12.97
CA VAL B 5 5.83 6.71 12.78
C VAL B 5 6.03 6.92 11.27
N PHE B 6 5.96 8.17 10.85
CA PHE B 6 6.10 8.50 9.43
C PHE B 6 6.97 9.72 9.20
N THR B 7 7.78 9.67 8.14
CA THR B 7 8.59 10.82 7.80
C THR B 7 7.94 11.53 6.62
N LEU B 8 7.44 12.73 6.88
CA LEU B 8 6.82 13.53 5.85
C LEU B 8 7.83 14.54 5.32
N PRO B 9 7.56 15.12 4.15
CA PRO B 9 8.48 16.12 3.62
C PRO B 9 8.48 17.24 4.64
N ALA B 10 9.61 17.92 4.78
CA ALA B 10 9.72 19.00 5.75
C ALA B 10 8.79 20.18 5.46
N ASN B 11 8.39 20.86 6.54
CA ASN B 11 7.53 22.04 6.48
C ASN B 11 6.37 21.90 5.51
N THR B 12 5.65 20.79 5.64
CA THR B 12 4.52 20.52 4.78
C THR B 12 3.24 20.33 5.59
N ARG B 13 2.17 20.95 5.13
CA ARG B 13 0.89 20.83 5.80
C ARG B 13 0.25 19.51 5.45
N PHE B 14 -0.33 18.86 6.45
CA PHE B 14 -0.98 17.58 6.24
C PHE B 14 -2.23 17.50 7.09
N GLY B 15 -3.12 16.60 6.70
CA GLY B 15 -4.33 16.40 7.47
C GLY B 15 -4.20 15.12 8.27
N VAL B 16 -4.80 15.10 9.45
CA VAL B 16 -4.81 13.91 10.28
C VAL B 16 -6.24 13.78 10.78
N THR B 17 -6.80 12.60 10.60
CA THR B 17 -8.18 12.31 10.95
C THR B 17 -8.30 10.98 11.66
N ALA B 18 -9.16 10.91 12.67
CA ALA B 18 -9.34 9.67 13.42
C ALA B 18 -10.78 9.18 13.39
N PHE B 19 -10.92 7.85 13.38
CA PHE B 19 -12.21 7.16 13.35
C PHE B 19 -12.25 6.20 14.53
N ALA B 20 -13.43 6.01 15.13
CA ALA B 20 -13.57 5.09 16.27
C ALA B 20 -14.55 3.96 15.98
N ASN B 21 -14.17 2.75 16.41
CA ASN B 21 -14.98 1.54 16.24
C ASN B 21 -14.71 0.64 17.44
N SER B 22 -15.22 1.03 18.60
CA SER B 22 -15.00 0.26 19.82
C SER B 22 -15.92 0.72 20.93
N SER B 23 -16.16 -0.16 21.89
CA SER B 23 -17.01 0.17 23.03
C SER B 23 -16.23 1.07 23.97
N GLY B 24 -14.90 1.07 23.84
CA GLY B 24 -14.06 1.89 24.69
C GLY B 24 -13.75 3.25 24.10
N THR B 25 -13.60 4.25 24.98
CA THR B 25 -13.28 5.60 24.54
C THR B 25 -11.86 5.64 24.04
N GLN B 26 -11.69 6.09 22.80
CA GLN B 26 -10.38 6.17 22.18
C GLN B 26 -9.74 7.52 22.37
N THR B 27 -8.43 7.54 22.52
CA THR B 27 -7.67 8.78 22.63
C THR B 27 -6.50 8.65 21.65
N VAL B 28 -6.46 9.56 20.70
CA VAL B 28 -5.43 9.57 19.68
C VAL B 28 -4.54 10.79 19.82
N ASN B 29 -3.23 10.55 19.92
CA ASN B 29 -2.28 11.65 20.02
C ASN B 29 -1.42 11.64 18.77
N VAL B 30 -1.23 12.84 18.21
CA VAL B 30 -0.42 13.00 17.02
C VAL B 30 0.75 13.88 17.40
N LEU B 31 1.95 13.30 17.34
CA LEU B 31 3.17 14.02 17.68
C LEU B 31 3.94 14.47 16.46
N VAL B 32 4.44 15.69 16.49
CA VAL B 32 5.26 16.23 15.42
C VAL B 32 6.59 16.58 16.08
N ASN B 33 7.66 15.98 15.56
CA ASN B 33 9.00 16.21 16.11
C ASN B 33 9.03 15.80 17.59
N ASN B 34 8.35 14.71 17.88
CA ASN B 34 8.27 14.13 19.23
C ASN B 34 7.42 14.84 20.27
N GLU B 35 6.65 15.84 19.86
CA GLU B 35 5.79 16.54 20.79
C GLU B 35 4.36 16.57 20.27
N THR B 36 3.42 16.28 21.16
CA THR B 36 2.01 16.25 20.79
C THR B 36 1.56 17.56 20.17
N ALA B 37 0.94 17.48 19.00
CA ALA B 37 0.45 18.64 18.27
C ALA B 37 -1.07 18.58 18.11
N ALA B 38 -1.64 17.40 18.32
CA ALA B 38 -3.08 17.23 18.20
C ALA B 38 -3.52 16.01 19.00
N THR B 39 -4.72 16.10 19.58
CA THR B 39 -5.28 15.00 20.34
C THR B 39 -6.77 14.93 20.04
N PHE B 40 -7.24 13.73 19.74
CA PHE B 40 -8.67 13.50 19.46
C PHE B 40 -9.15 12.40 20.39
N SER B 41 -10.44 12.41 20.69
CA SER B 41 -11.00 11.38 21.55
C SER B 41 -12.48 11.23 21.25
N GLY B 42 -13.02 10.05 21.52
CA GLY B 42 -14.44 9.82 21.28
C GLY B 42 -14.79 8.37 21.50
N GLN B 43 -16.07 8.05 21.43
CA GLN B 43 -16.52 6.68 21.61
C GLN B 43 -17.64 6.40 20.63
N SER B 44 -17.36 5.50 19.70
CA SER B 44 -18.30 5.11 18.66
C SER B 44 -18.00 3.71 18.18
N THR B 45 -19.04 2.97 17.81
CA THR B 45 -18.87 1.63 17.26
C THR B 45 -19.37 1.72 15.82
N ASN B 46 -19.51 2.95 15.33
CA ASN B 46 -19.99 3.19 13.98
C ASN B 46 -19.13 4.12 13.13
N ASN B 47 -17.83 4.02 13.33
CA ASN B 47 -16.85 4.77 12.54
C ASN B 47 -16.94 6.30 12.61
N ALA B 48 -17.37 6.84 13.74
CA ALA B 48 -17.45 8.29 13.86
C ALA B 48 -16.07 8.89 13.63
N VAL B 49 -16.04 10.03 12.94
CA VAL B 49 -14.80 10.75 12.66
C VAL B 49 -14.64 11.64 13.89
N ILE B 50 -14.01 11.09 14.91
CA ILE B 50 -13.87 11.77 16.18
C ILE B 50 -13.01 13.02 16.21
N GLY B 51 -12.22 13.25 15.17
CA GLY B 51 -11.42 14.45 15.13
C GLY B 51 -10.67 14.56 13.82
N THR B 52 -10.34 15.79 13.45
CA THR B 52 -9.57 16.04 12.24
C THR B 52 -8.89 17.38 12.44
N GLN B 53 -7.73 17.55 11.84
CA GLN B 53 -6.99 18.79 12.01
C GLN B 53 -5.89 18.88 10.96
N VAL B 54 -5.48 20.10 10.65
CA VAL B 54 -4.42 20.34 9.70
C VAL B 54 -3.18 20.77 10.50
N LEU B 55 -2.08 20.06 10.29
CA LEU B 55 -0.83 20.32 10.99
C LEU B 55 0.28 20.57 9.99
N ASN B 56 1.41 21.06 10.49
CA ASN B 56 2.59 21.32 9.66
C ASN B 56 3.67 20.36 10.16
N SER B 57 4.29 19.63 9.23
CA SER B 57 5.31 18.65 9.59
C SER B 57 6.58 19.22 10.20
N GLY B 58 6.78 20.53 10.08
CA GLY B 58 7.95 21.16 10.66
C GLY B 58 9.26 20.82 9.97
N SER B 59 10.37 21.24 10.56
CA SER B 59 11.69 21.00 9.99
C SER B 59 12.11 19.54 9.95
N SER B 60 11.63 18.73 10.91
CA SER B 60 12.00 17.32 10.98
C SER B 60 11.14 16.43 10.09
N GLY B 61 9.88 16.82 9.93
CA GLY B 61 8.96 16.02 9.12
C GLY B 61 8.54 14.75 9.85
N LYS B 62 8.96 14.59 11.09
CA LYS B 62 8.61 13.40 11.84
C LYS B 62 7.23 13.49 12.48
N VAL B 63 6.37 12.52 12.16
CA VAL B 63 5.02 12.47 12.70
C VAL B 63 4.79 11.09 13.30
N GLN B 64 4.25 11.06 14.51
CA GLN B 64 3.97 9.80 15.17
C GLN B 64 2.57 9.78 15.76
N VAL B 65 1.88 8.66 15.56
CA VAL B 65 0.53 8.48 16.06
C VAL B 65 0.54 7.47 17.20
N GLN B 66 -0.11 7.82 18.29
CA GLN B 66 -0.22 6.93 19.45
C GLN B 66 -1.69 6.85 19.82
N VAL B 67 -2.13 5.64 20.17
CA VAL B 67 -3.52 5.43 20.55
C VAL B 67 -3.60 4.75 21.90
N SER B 68 -4.48 5.27 22.76
CA SER B 68 -4.65 4.70 24.07
C SER B 68 -6.12 4.67 24.45
N VAL B 69 -6.46 3.76 25.36
CA VAL B 69 -7.82 3.61 25.86
C VAL B 69 -7.69 3.54 27.38
N ASN B 70 -8.27 4.54 28.06
CA ASN B 70 -8.22 4.60 29.51
C ASN B 70 -6.78 4.58 30.02
N GLY B 71 -5.87 5.18 29.26
CA GLY B 71 -4.48 5.25 29.66
C GLY B 71 -3.64 4.04 29.28
N ARG B 72 -4.23 3.12 28.52
CA ARG B 72 -3.53 1.90 28.09
C ARG B 72 -3.24 1.97 26.59
N PRO B 73 -1.96 1.86 26.20
CA PRO B 73 -1.61 1.90 24.77
C PRO B 73 -2.16 0.73 23.97
N SER B 74 -2.77 1.04 22.82
CA SER B 74 -3.30 0.01 21.95
C SER B 74 -2.19 -0.50 21.05
N ASP B 75 -2.35 -1.70 20.52
CA ASP B 75 -1.35 -2.26 19.61
C ASP B 75 -1.61 -1.64 18.24
N LEU B 76 -0.55 -1.12 17.63
CA LEU B 76 -0.68 -0.45 16.34
C LEU B 76 -0.20 -1.21 15.12
N VAL B 77 -0.79 -0.88 13.98
CA VAL B 77 -0.39 -1.41 12.69
C VAL B 77 -0.40 -0.19 11.78
N SER B 78 0.53 -0.11 10.85
CA SER B 78 0.59 1.05 9.98
C SER B 78 1.37 0.80 8.70
N ALA B 79 1.22 1.73 7.77
CA ALA B 79 1.92 1.69 6.50
C ALA B 79 1.66 3.01 5.79
N GLN B 80 2.50 3.33 4.81
CA GLN B 80 2.34 4.52 4.01
C GLN B 80 2.20 4.06 2.57
N VAL B 81 1.30 4.68 1.83
CA VAL B 81 1.11 4.34 0.43
C VAL B 81 1.09 5.64 -0.36
N ILE B 82 1.74 5.62 -1.51
CA ILE B 82 1.82 6.79 -2.37
C ILE B 82 1.23 6.42 -3.73
N LEU B 83 0.28 7.24 -4.18
CA LEU B 83 -0.39 7.02 -5.47
C LEU B 83 0.11 8.06 -6.47
N THR B 84 0.31 7.60 -7.69
CA THR B 84 0.83 8.39 -8.81
C THR B 84 2.00 9.28 -8.39
N ASN B 85 2.83 8.72 -7.51
CA ASN B 85 4.05 9.36 -7.03
C ASN B 85 3.84 10.76 -6.46
N GLU B 86 2.65 11.02 -5.92
CA GLU B 86 2.37 12.36 -5.42
C GLU B 86 1.36 12.42 -4.28
N LEU B 87 0.35 11.55 -4.29
CA LEU B 87 -0.67 11.54 -3.26
C LEU B 87 -0.30 10.55 -2.15
N ASN B 88 -0.11 11.07 -0.94
CA ASN B 88 0.32 10.28 0.20
C ASN B 88 -0.71 9.98 1.26
N PHE B 89 -0.70 8.74 1.73
CA PHE B 89 -1.56 8.30 2.82
C PHE B 89 -0.71 7.57 3.85
N ALA B 90 -0.78 8.02 5.10
CA ALA B 90 -0.08 7.34 6.20
C ALA B 90 -1.26 6.77 6.98
N LEU B 91 -1.28 5.45 7.10
CA LEU B 91 -2.39 4.74 7.72
C LEU B 91 -2.05 4.06 9.03
N VAL B 92 -2.98 4.16 9.98
CA VAL B 92 -2.78 3.52 11.27
C VAL B 92 -4.05 2.84 11.74
N GLY B 93 -3.88 1.62 12.24
CA GLY B 93 -4.98 0.86 12.80
C GLY B 93 -4.54 0.56 14.22
N SER B 94 -5.48 0.23 15.10
CA SER B 94 -5.13 -0.07 16.48
C SER B 94 -6.10 -1.05 17.10
N GLU B 95 -5.60 -1.85 18.03
CA GLU B 95 -6.41 -2.85 18.71
C GLU B 95 -6.34 -2.63 20.22
N ASP B 96 -7.49 -2.40 20.84
CA ASP B 96 -7.55 -2.17 22.28
C ASP B 96 -8.01 -3.40 23.06
N GLY B 97 -8.19 -4.51 22.36
CA GLY B 97 -8.64 -5.74 22.99
C GLY B 97 -8.01 -6.98 22.40
N THR B 98 -8.82 -8.01 22.22
CA THR B 98 -8.32 -9.28 21.68
C THR B 98 -9.13 -9.87 20.53
N ASP B 99 -10.11 -9.12 20.01
CA ASP B 99 -10.92 -9.65 18.92
C ASP B 99 -10.24 -9.43 17.58
N ASN B 100 -9.07 -8.79 17.65
CA ASN B 100 -8.24 -8.52 16.49
C ASN B 100 -8.90 -7.96 15.23
N ASP B 101 -9.64 -6.88 15.37
CA ASP B 101 -10.21 -6.26 14.19
C ASP B 101 -9.37 -5.02 13.85
N TYR B 102 -8.54 -4.58 14.80
CA TYR B 102 -7.63 -3.46 14.60
C TYR B 102 -8.22 -2.17 14.04
N ASN B 103 -9.50 -1.95 14.30
CA ASN B 103 -10.19 -0.76 13.81
C ASN B 103 -10.69 0.10 14.96
N ASP B 104 -10.29 -0.25 16.19
CA ASP B 104 -10.79 0.46 17.35
C ASP B 104 -10.59 1.96 17.26
N ALA B 105 -9.44 2.34 16.74
CA ALA B 105 -9.10 3.72 16.45
C ALA B 105 -8.33 3.60 15.15
N VAL B 106 -8.83 4.25 14.10
CA VAL B 106 -8.18 4.22 12.79
C VAL B 106 -7.78 5.65 12.51
N VAL B 107 -6.55 5.84 12.06
CA VAL B 107 -6.07 7.18 11.78
C VAL B 107 -5.54 7.28 10.36
N VAL B 108 -5.93 8.34 9.68
CA VAL B 108 -5.48 8.58 8.32
C VAL B 108 -4.82 9.94 8.25
N ILE B 109 -3.60 9.95 7.73
CA ILE B 109 -2.83 11.17 7.53
C ILE B 109 -2.71 11.30 6.02
N ASN B 110 -3.02 12.49 5.50
CA ASN B 110 -2.93 12.68 4.05
C ASN B 110 -2.28 14.00 3.67
N TRP B 111 -1.53 13.97 2.57
CA TRP B 111 -0.88 15.16 2.05
C TRP B 111 -0.56 14.87 0.58
N PRO B 112 -0.41 15.93 -0.24
CA PRO B 112 -0.50 17.35 0.09
C PRO B 112 -1.95 17.82 0.23
N LEU B 113 -2.12 19.02 0.76
CA LEU B 113 -3.43 19.62 0.93
C LEU B 113 -3.57 20.80 -0.01
N GLY B 114 -4.77 21.38 -0.03
CA GLY B 114 -5.04 22.56 -0.84
C GLY B 114 -5.36 22.36 -2.30
N ALA C 1 -4.23 8.69 -14.51
CA ALA C 1 -3.02 9.35 -13.97
C ALA C 1 -1.77 8.62 -14.40
N THR C 2 -0.64 9.33 -14.37
CA THR C 2 0.64 8.73 -14.74
C THR C 2 0.96 7.59 -13.79
N GLN C 3 1.54 6.53 -14.33
CA GLN C 3 1.90 5.36 -13.54
C GLN C 3 3.31 4.91 -13.91
N GLY C 4 3.96 4.20 -13.01
CA GLY C 4 5.30 3.69 -13.27
C GLY C 4 6.44 4.65 -13.02
N VAL C 5 6.13 5.82 -12.45
CA VAL C 5 7.14 6.82 -12.15
C VAL C 5 7.29 6.94 -10.63
N PHE C 6 8.52 6.89 -10.15
CA PHE C 6 8.78 6.95 -8.71
C PHE C 6 9.93 7.87 -8.37
N THR C 7 9.79 8.60 -7.26
CA THR C 7 10.85 9.47 -6.81
C THR C 7 11.55 8.79 -5.64
N LEU C 8 12.78 8.36 -5.86
CA LEU C 8 13.58 7.72 -4.83
C LEU C 8 14.54 8.75 -4.27
N PRO C 9 15.17 8.44 -3.12
CA PRO C 9 16.10 9.40 -2.54
C PRO C 9 17.26 9.52 -3.53
N ALA C 10 17.90 10.67 -3.57
CA ALA C 10 19.00 10.88 -4.50
C ALA C 10 20.17 9.94 -4.23
N ASN C 11 20.92 9.63 -5.27
CA ASN C 11 22.09 8.77 -5.19
C ASN C 11 21.90 7.59 -4.25
N THR C 12 20.87 6.80 -4.52
CA THR C 12 20.56 5.65 -3.70
C THR C 12 20.46 4.39 -4.54
N ARG C 13 21.11 3.34 -4.06
CA ARG C 13 21.09 2.07 -4.76
C ARG C 13 19.73 1.41 -4.50
N PHE C 14 19.15 0.83 -5.54
CA PHE C 14 17.87 0.15 -5.40
C PHE C 14 17.87 -1.10 -6.24
N GLY C 15 16.98 -2.03 -5.90
CA GLY C 15 16.87 -3.24 -6.65
C GLY C 15 15.67 -3.16 -7.56
N VAL C 16 15.78 -3.77 -8.74
CA VAL C 16 14.67 -3.82 -9.67
C VAL C 16 14.61 -5.24 -10.20
N THR C 17 13.43 -5.83 -10.13
CA THR C 17 13.22 -7.20 -10.55
C THR C 17 11.94 -7.28 -11.36
N ALA C 18 11.97 -8.01 -12.47
CA ALA C 18 10.80 -8.15 -13.33
C ALA C 18 10.41 -9.59 -13.53
N PHE C 19 9.10 -9.84 -13.51
CA PHE C 19 8.52 -11.17 -13.70
C PHE C 19 7.60 -11.10 -14.91
N ALA C 20 7.45 -12.23 -15.61
CA ALA C 20 6.58 -12.27 -16.78
C ALA C 20 5.47 -13.29 -16.63
N ASN C 21 4.28 -12.93 -17.12
CA ASN C 21 3.09 -13.79 -17.07
C ASN C 21 2.24 -13.45 -18.30
N SER C 22 2.71 -13.88 -19.47
CA SER C 22 2.01 -13.58 -20.72
C SER C 22 2.59 -14.40 -21.85
N SER C 23 1.80 -14.59 -22.91
CA SER C 23 2.30 -15.32 -24.06
C SER C 23 3.26 -14.42 -24.83
N GLY C 24 3.12 -13.11 -24.63
CA GLY C 24 3.96 -12.17 -25.33
C GLY C 24 5.29 -11.89 -24.64
N THR C 25 6.32 -11.63 -25.44
CA THR C 25 7.63 -11.33 -24.91
C THR C 25 7.59 -9.91 -24.35
N GLN C 26 7.99 -9.79 -23.09
CA GLN C 26 7.98 -8.52 -22.39
C GLN C 26 9.31 -7.78 -22.46
N THR C 27 9.25 -6.49 -22.75
CA THR C 27 10.45 -5.66 -22.76
C THR C 27 10.23 -4.60 -21.69
N VAL C 28 10.99 -4.71 -20.61
CA VAL C 28 10.88 -3.77 -19.50
C VAL C 28 12.07 -2.83 -19.54
N ASN C 29 11.80 -1.53 -19.66
CA ASN C 29 12.85 -0.53 -19.69
C ASN C 29 12.79 0.25 -18.39
N VAL C 30 13.95 0.38 -17.73
CA VAL C 30 14.01 1.12 -16.48
C VAL C 30 14.81 2.39 -16.76
N LEU C 31 14.15 3.53 -16.61
CA LEU C 31 14.79 4.83 -16.86
C LEU C 31 15.19 5.51 -15.57
N VAL C 32 16.39 6.09 -15.56
CA VAL C 32 16.87 6.82 -14.40
C VAL C 32 17.22 8.22 -14.91
N ASN C 33 16.51 9.21 -14.39
CA ASN C 33 16.67 10.61 -14.78
C ASN C 33 16.44 10.70 -16.30
N ASN C 34 15.37 10.02 -16.72
CA ASN C 34 14.93 9.99 -18.11
C ASN C 34 15.88 9.35 -19.11
N GLU C 35 16.75 8.47 -18.63
CA GLU C 35 17.70 7.77 -19.49
C GLU C 35 17.65 6.28 -19.18
N THR C 36 17.64 5.44 -20.21
CA THR C 36 17.58 4.00 -20.01
C THR C 36 18.78 3.52 -19.19
N ALA C 37 18.50 2.84 -18.09
CA ALA C 37 19.54 2.33 -17.21
C ALA C 37 19.61 0.81 -17.25
N ALA C 38 18.50 0.16 -17.62
CA ALA C 38 18.46 -1.28 -17.70
C ALA C 38 17.26 -1.72 -18.52
N THR C 39 17.41 -2.87 -19.18
CA THR C 39 16.34 -3.43 -19.99
C THR C 39 16.27 -4.93 -19.73
N PHE C 40 15.06 -5.42 -19.47
CA PHE C 40 14.85 -6.85 -19.27
C PHE C 40 13.90 -7.32 -20.36
N SER C 41 14.30 -8.37 -21.05
CA SER C 41 13.49 -8.94 -22.12
C SER C 41 13.32 -10.42 -21.90
N GLY C 42 12.07 -10.89 -21.91
CA GLY C 42 11.85 -12.30 -21.70
C GLY C 42 10.38 -12.68 -21.79
N GLN C 43 10.13 -13.98 -21.83
CA GLN C 43 8.78 -14.50 -21.93
C GLN C 43 8.56 -15.63 -20.94
N SER C 44 7.40 -15.62 -20.30
CA SER C 44 7.03 -16.64 -19.33
C SER C 44 5.56 -16.50 -18.98
N THR C 45 4.91 -17.62 -18.71
CA THR C 45 3.54 -17.58 -18.27
C THR C 45 3.54 -18.18 -16.87
N ASN C 46 4.73 -18.26 -16.27
CA ASN C 46 4.86 -18.82 -14.94
C ASN C 46 5.69 -17.97 -13.97
N ASN C 47 5.56 -16.66 -14.12
CA ASN C 47 6.20 -15.70 -13.23
C ASN C 47 7.73 -15.77 -13.16
N ALA C 48 8.36 -16.23 -14.24
CA ALA C 48 9.81 -16.32 -14.23
C ALA C 48 10.43 -14.92 -14.15
N VAL C 49 11.54 -14.83 -13.44
CA VAL C 49 12.26 -13.57 -13.33
C VAL C 49 12.97 -13.35 -14.66
N ILE C 50 12.59 -12.30 -15.39
CA ILE C 50 13.24 -12.03 -16.67
C ILE C 50 14.39 -11.06 -16.47
N GLY C 51 14.58 -10.61 -15.24
CA GLY C 51 15.67 -9.71 -14.93
C GLY C 51 15.65 -9.23 -13.50
N THR C 52 16.84 -9.07 -12.93
CA THR C 52 16.96 -8.55 -11.57
C THR C 52 18.33 -7.90 -11.52
N GLN C 53 18.38 -6.69 -11.00
CA GLN C 53 19.63 -5.97 -10.99
C GLN C 53 19.61 -4.85 -9.96
N VAL C 54 20.79 -4.34 -9.65
CA VAL C 54 20.93 -3.25 -8.72
C VAL C 54 21.31 -2.00 -9.52
N LEU C 55 20.58 -0.92 -9.32
CA LEU C 55 20.83 0.34 -10.03
C LEU C 55 20.97 1.47 -9.04
N ASN C 56 21.43 2.62 -9.51
CA ASN C 56 21.58 3.78 -8.65
C ASN C 56 20.60 4.83 -9.15
N SER C 57 19.87 5.45 -8.23
CA SER C 57 18.86 6.44 -8.58
C SER C 57 19.42 7.75 -9.14
N GLY C 58 20.73 7.96 -8.99
CA GLY C 58 21.33 9.18 -9.50
C GLY C 58 20.95 10.41 -8.72
N SER C 59 21.35 11.58 -9.20
CA SER C 59 21.06 12.83 -8.52
C SER C 59 19.57 13.17 -8.40
N SER C 60 18.82 12.95 -9.48
CA SER C 60 17.40 13.29 -9.47
C SER C 60 16.53 12.34 -8.68
N GLY C 61 16.95 11.07 -8.59
CA GLY C 61 16.18 10.07 -7.89
C GLY C 61 14.97 9.64 -8.69
N LYS C 62 14.81 10.18 -9.90
CA LYS C 62 13.67 9.83 -10.74
C LYS C 62 13.83 8.50 -11.44
N VAL C 63 12.92 7.59 -11.16
CA VAL C 63 12.96 6.27 -11.77
C VAL C 63 11.63 6.01 -12.46
N GLN C 64 11.70 5.54 -13.70
CA GLN C 64 10.51 5.24 -14.45
C GLN C 64 10.58 3.89 -15.13
N VAL C 65 9.49 3.14 -15.01
CA VAL C 65 9.38 1.82 -15.60
C VAL C 65 8.44 1.88 -16.79
N GLN C 66 8.90 1.35 -17.91
CA GLN C 66 8.09 1.28 -19.12
C GLN C 66 8.07 -0.17 -19.54
N VAL C 67 6.94 -0.63 -20.07
CA VAL C 67 6.82 -2.00 -20.53
C VAL C 67 6.16 -2.01 -21.89
N SER C 68 6.70 -2.81 -22.80
CA SER C 68 6.14 -2.90 -24.13
C SER C 68 6.21 -4.35 -24.59
N VAL C 69 5.32 -4.68 -25.51
CA VAL C 69 5.24 -6.01 -26.10
C VAL C 69 5.09 -5.75 -27.59
N ASN C 70 6.06 -6.20 -28.38
CA ASN C 70 6.04 -5.99 -29.82
C ASN C 70 6.07 -4.49 -30.13
N GLY C 71 6.77 -3.74 -29.28
CA GLY C 71 6.88 -2.31 -29.47
C GLY C 71 5.68 -1.51 -28.98
N ARG C 72 4.61 -2.21 -28.64
CA ARG C 72 3.40 -1.55 -28.14
C ARG C 72 3.45 -1.37 -26.63
N PRO C 73 3.37 -0.12 -26.15
CA PRO C 73 3.41 0.16 -24.72
C PRO C 73 2.22 -0.48 -23.98
N SER C 74 2.51 -1.16 -22.88
CA SER C 74 1.48 -1.79 -22.07
C SER C 74 0.88 -0.75 -21.14
N ASP C 75 -0.35 -0.99 -20.71
CA ASP C 75 -0.99 -0.06 -19.77
C ASP C 75 -0.44 -0.42 -18.39
N LEU C 76 -0.03 0.58 -17.64
CA LEU C 76 0.56 0.36 -16.33
C LEU C 76 -0.29 0.73 -15.13
N VAL C 77 -0.02 0.07 -14.01
CA VAL C 77 -0.65 0.37 -12.74
C VAL C 77 0.51 0.34 -11.76
N SER C 78 0.49 1.23 -10.77
CA SER C 78 1.61 1.28 -9.83
C SER C 78 1.26 1.96 -8.53
N ALA C 79 2.14 1.75 -7.55
CA ALA C 79 2.01 2.39 -6.24
C ALA C 79 3.30 2.15 -5.48
N GLN C 80 3.51 2.95 -4.45
CA GLN C 80 4.68 2.80 -3.60
C GLN C 80 4.13 2.54 -2.20
N VAL C 81 4.75 1.58 -1.50
CA VAL C 81 4.35 1.24 -0.14
C VAL C 81 5.60 1.28 0.72
N ILE C 82 5.47 1.86 1.92
CA ILE C 82 6.57 1.95 2.85
C ILE C 82 6.16 1.28 4.15
N LEU C 83 6.98 0.33 4.60
CA LEU C 83 6.72 -0.40 5.83
C LEU C 83 7.66 0.09 6.93
N THR C 84 7.11 0.21 8.14
CA THR C 84 7.81 0.69 9.34
C THR C 84 8.71 1.90 9.06
N ASN C 85 8.22 2.75 8.15
CA ASN C 85 8.88 4.00 7.76
C ASN C 85 10.32 3.81 7.29
N GLU C 86 10.65 2.61 6.81
CA GLU C 86 12.03 2.32 6.38
C GLU C 86 12.16 1.51 5.10
N LEU C 87 11.30 0.51 4.95
CA LEU C 87 11.36 -0.40 3.80
C LEU C 87 10.43 0.06 2.68
N ASN C 88 11.01 0.35 1.52
CA ASN C 88 10.23 0.84 0.39
C ASN C 88 10.05 -0.13 -0.77
N PHE C 89 8.83 -0.18 -1.28
CA PHE C 89 8.50 -0.99 -2.44
C PHE C 89 7.81 -0.11 -3.48
N ALA C 90 8.35 -0.09 -4.69
CA ALA C 90 7.73 0.64 -5.80
C ALA C 90 7.28 -0.53 -6.67
N LEU C 91 5.96 -0.63 -6.85
CA LEU C 91 5.36 -1.75 -7.57
C LEU C 91 4.69 -1.36 -8.86
N VAL C 92 4.89 -2.19 -9.89
CA VAL C 92 4.30 -1.94 -11.20
C VAL C 92 3.69 -3.20 -11.79
N GLY C 93 2.49 -3.04 -12.34
CA GLY C 93 1.80 -4.11 -13.03
C GLY C 93 1.60 -3.57 -14.44
N SER C 94 1.43 -4.45 -15.42
CA SER C 94 1.24 -4.00 -16.79
C SER C 94 0.32 -4.96 -17.52
N GLU C 95 -0.46 -4.41 -18.44
CA GLU C 95 -1.41 -5.20 -19.23
C GLU C 95 -1.13 -5.03 -20.71
N ASP C 96 -0.86 -6.14 -21.39
CA ASP C 96 -0.58 -6.11 -22.81
C ASP C 96 -1.75 -6.59 -23.65
N GLY C 97 -2.88 -6.90 -23.00
CA GLY C 97 -4.03 -7.39 -23.71
C GLY C 97 -5.35 -6.87 -23.19
N THR C 98 -6.37 -7.72 -23.17
CA THR C 98 -7.69 -7.31 -22.73
C THR C 98 -8.25 -8.04 -21.51
N ASP C 99 -7.52 -9.02 -20.97
CA ASP C 99 -8.04 -9.76 -19.84
C ASP C 99 -7.86 -9.02 -18.51
N ASN C 100 -7.11 -7.93 -18.58
CA ASN C 100 -6.86 -7.07 -17.42
C ASN C 100 -6.37 -7.76 -16.15
N ASP C 101 -5.42 -8.67 -16.28
CA ASP C 101 -4.88 -9.29 -15.09
C ASP C 101 -3.68 -8.46 -14.60
N TYR C 102 -3.20 -7.55 -15.46
CA TYR C 102 -2.09 -6.64 -15.15
C TYR C 102 -0.84 -7.27 -14.56
N ASN C 103 -0.59 -8.52 -14.91
CA ASN C 103 0.59 -9.23 -14.41
C ASN C 103 1.51 -9.63 -15.56
N ASP C 104 1.20 -9.16 -16.76
CA ASP C 104 1.95 -9.56 -17.94
C ASP C 104 3.43 -9.33 -17.74
N ALA C 105 3.76 -8.21 -17.11
CA ALA C 105 5.11 -7.90 -16.71
C ALA C 105 4.87 -7.26 -15.34
N VAL C 106 5.45 -7.85 -14.29
CA VAL C 106 5.32 -7.30 -12.94
C VAL C 106 6.71 -6.84 -12.55
N VAL C 107 6.81 -5.60 -12.08
CA VAL C 107 8.11 -5.08 -11.70
C VAL C 107 8.11 -4.64 -10.25
N VAL C 108 9.12 -5.09 -9.52
CA VAL C 108 9.27 -4.74 -8.12
C VAL C 108 10.59 -4.02 -7.91
N ILE C 109 10.49 -2.81 -7.35
CA ILE C 109 11.66 -2.00 -7.03
C ILE C 109 11.69 -1.89 -5.52
N ASN C 110 12.84 -2.15 -4.91
CA ASN C 110 12.93 -2.06 -3.47
C ASN C 110 14.20 -1.37 -3.01
N TRP C 111 14.08 -0.62 -1.92
CA TRP C 111 15.21 0.07 -1.34
C TRP C 111 14.83 0.41 0.11
N PRO C 112 15.82 0.68 0.96
CA PRO C 112 17.26 0.68 0.67
C PRO C 112 17.77 -0.75 0.65
N LEU C 113 18.99 -0.92 0.13
CA LEU C 113 19.63 -2.22 0.09
C LEU C 113 20.73 -2.19 1.16
N GLY C 114 21.51 -3.27 1.24
CA GLY C 114 22.60 -3.32 2.19
C GLY C 114 22.28 -3.55 3.66
N ALA D 1 1.19 -6.68 16.46
CA ALA D 1 0.21 -7.45 15.64
C ALA D 1 0.95 -8.51 14.82
N THR D 2 0.24 -9.57 14.48
CA THR D 2 0.82 -10.65 13.69
C THR D 2 1.24 -10.08 12.34
N GLN D 3 2.38 -10.55 11.84
CA GLN D 3 2.91 -10.10 10.56
C GLN D 3 3.37 -11.32 9.77
N GLY D 4 3.42 -11.18 8.45
CA GLY D 4 3.89 -12.25 7.60
C GLY D 4 2.88 -13.33 7.28
N VAL D 5 1.62 -13.11 7.66
CA VAL D 5 0.55 -14.07 7.39
C VAL D 5 -0.44 -13.45 6.41
N PHE D 6 -0.74 -14.17 5.34
CA PHE D 6 -1.64 -13.66 4.33
C PHE D 6 -2.68 -14.68 3.91
N THR D 7 -3.90 -14.21 3.66
CA THR D 7 -4.97 -15.07 3.20
C THR D 7 -5.15 -14.81 1.71
N LEU D 8 -4.80 -15.80 0.90
CA LEU D 8 -4.94 -15.70 -0.55
C LEU D 8 -6.15 -16.49 -0.96
N PRO D 9 -6.64 -16.26 -2.20
CA PRO D 9 -7.80 -17.03 -2.63
C PRO D 9 -7.33 -18.48 -2.65
N ALA D 10 -8.23 -19.43 -2.37
CA ALA D 10 -7.86 -20.83 -2.33
C ALA D 10 -7.43 -21.39 -3.69
N ASN D 11 -6.60 -22.43 -3.64
CA ASN D 11 -6.11 -23.13 -4.82
C ASN D 11 -5.69 -22.21 -5.94
N THR D 12 -4.89 -21.21 -5.58
CA THR D 12 -4.41 -20.23 -6.55
C THR D 12 -2.90 -20.19 -6.57
N ARG D 13 -2.32 -20.23 -7.76
CA ARG D 13 -0.88 -20.18 -7.90
C ARG D 13 -0.40 -18.77 -7.59
N PHE D 14 0.71 -18.68 -6.87
CA PHE D 14 1.28 -17.38 -6.53
C PHE D 14 2.78 -17.48 -6.58
N GLY D 15 3.43 -16.33 -6.76
CA GLY D 15 4.88 -16.32 -6.77
C GLY D 15 5.38 -15.81 -5.44
N VAL D 16 6.52 -16.35 -5.00
CA VAL D 16 7.14 -15.89 -3.77
C VAL D 16 8.62 -15.74 -4.11
N THR D 17 9.15 -14.56 -3.82
CA THR D 17 10.53 -14.22 -4.12
C THR D 17 11.19 -13.57 -2.92
N ALA D 18 12.42 -13.97 -2.62
CA ALA D 18 13.16 -13.44 -1.48
C ALA D 18 14.48 -12.80 -1.87
N PHE D 19 14.78 -11.69 -1.21
CA PHE D 19 16.01 -10.91 -1.44
C PHE D 19 16.75 -10.81 -0.10
N ALA D 20 18.08 -10.78 -0.14
CA ALA D 20 18.88 -10.67 1.07
C ALA D 20 19.71 -9.37 1.08
N ASN D 21 19.76 -8.72 2.25
CA ASN D 21 20.52 -7.48 2.45
C ASN D 21 21.01 -7.44 3.89
N SER D 22 21.99 -8.28 4.19
CA SER D 22 22.51 -8.36 5.55
C SER D 22 23.81 -9.17 5.59
N SER D 23 24.58 -8.97 6.65
CA SER D 23 25.82 -9.70 6.83
C SER D 23 25.47 -11.13 7.25
N GLY D 24 24.27 -11.33 7.78
CA GLY D 24 23.88 -12.65 8.21
C GLY D 24 23.17 -13.49 7.17
N THR D 25 23.34 -14.81 7.25
CA THR D 25 22.69 -15.72 6.33
C THR D 25 21.21 -15.74 6.67
N GLN D 26 20.38 -15.48 5.67
CA GLN D 26 18.93 -15.45 5.85
C GLN D 26 18.29 -16.79 5.52
N THR D 27 17.39 -17.23 6.40
CA THR D 27 16.65 -18.46 6.17
C THR D 27 15.19 -18.01 6.03
N VAL D 28 14.66 -18.16 4.83
CA VAL D 28 13.28 -17.77 4.55
C VAL D 28 12.46 -19.03 4.37
N ASN D 29 11.46 -19.22 5.21
CA ASN D 29 10.61 -20.39 5.13
C ASN D 29 9.22 -19.93 4.71
N VAL D 30 8.65 -20.61 3.73
CA VAL D 30 7.32 -20.27 3.26
C VAL D 30 6.39 -21.42 3.60
N LEU D 31 5.40 -21.14 4.43
CA LEU D 31 4.44 -22.14 4.86
C LEU D 31 3.12 -21.95 4.14
N VAL D 32 2.59 -23.04 3.59
CA VAL D 32 1.31 -23.02 2.93
C VAL D 32 0.45 -24.00 3.72
N ASN D 33 -0.66 -23.53 4.25
CA ASN D 33 -1.54 -24.38 5.04
C ASN D 33 -0.77 -24.99 6.22
N ASN D 34 0.10 -24.17 6.81
CA ASN D 34 0.90 -24.57 7.97
C ASN D 34 1.97 -25.63 7.75
N GLU D 35 2.35 -25.84 6.49
CA GLU D 35 3.40 -26.81 6.16
C GLU D 35 4.42 -26.14 5.25
N THR D 36 5.70 -26.40 5.52
CA THR D 36 6.77 -25.80 4.72
C THR D 36 6.67 -26.22 3.25
N ALA D 37 6.59 -25.22 2.38
CA ALA D 37 6.48 -25.45 0.94
C ALA D 37 7.74 -25.03 0.20
N ALA D 38 8.55 -24.19 0.84
CA ALA D 38 9.79 -23.72 0.23
C ALA D 38 10.68 -23.13 1.30
N THR D 39 11.98 -23.20 1.07
CA THR D 39 12.95 -22.64 2.00
C THR D 39 14.13 -22.12 1.20
N PHE D 40 14.52 -20.89 1.49
CA PHE D 40 15.66 -20.27 0.81
C PHE D 40 16.66 -19.88 1.89
N SER D 41 17.94 -20.12 1.62
CA SER D 41 19.00 -19.76 2.57
C SER D 41 20.14 -19.10 1.80
N GLY D 42 20.45 -17.86 2.14
CA GLY D 42 21.52 -17.18 1.43
C GLY D 42 21.98 -15.91 2.11
N GLN D 43 23.12 -15.39 1.68
CA GLN D 43 23.67 -14.18 2.25
C GLN D 43 24.08 -13.23 1.14
N SER D 44 23.75 -11.95 1.34
CA SER D 44 24.07 -10.92 0.37
C SER D 44 23.75 -9.58 1.00
N THR D 45 24.52 -8.56 0.62
CA THR D 45 24.25 -7.23 1.11
C THR D 45 23.81 -6.42 -0.11
N ASN D 46 23.64 -7.10 -1.23
CA ASN D 46 23.27 -6.45 -2.48
C ASN D 46 21.99 -6.95 -3.16
N ASN D 47 21.01 -7.35 -2.35
CA ASN D 47 19.70 -7.75 -2.86
C ASN D 47 19.66 -8.96 -3.78
N ALA D 48 20.56 -9.92 -3.57
CA ALA D 48 20.55 -11.13 -4.38
C ALA D 48 19.19 -11.83 -4.20
N VAL D 49 18.71 -12.48 -5.24
CA VAL D 49 17.46 -13.22 -5.17
C VAL D 49 17.81 -14.61 -4.63
N ILE D 50 17.65 -14.79 -3.33
CA ILE D 50 17.99 -16.07 -2.73
C ILE D 50 16.96 -17.16 -2.96
N GLY D 51 15.88 -16.82 -3.65
CA GLY D 51 14.87 -17.80 -3.98
C GLY D 51 13.64 -17.21 -4.63
N THR D 52 13.06 -17.94 -5.56
CA THR D 52 11.83 -17.51 -6.22
C THR D 52 11.15 -18.75 -6.78
N GLN D 53 9.90 -18.98 -6.34
CA GLN D 53 9.15 -20.14 -6.78
C GLN D 53 7.68 -19.82 -6.95
N VAL D 54 6.99 -20.72 -7.63
CA VAL D 54 5.55 -20.61 -7.81
C VAL D 54 4.98 -21.72 -6.93
N LEU D 55 4.06 -21.34 -6.05
CA LEU D 55 3.42 -22.29 -5.15
C LEU D 55 1.92 -22.19 -5.32
N ASN D 56 1.20 -23.15 -4.77
CA ASN D 56 -0.26 -23.14 -4.84
C ASN D 56 -0.77 -22.86 -3.43
N SER D 57 -1.68 -21.90 -3.31
CA SER D 57 -2.20 -21.53 -2.00
C SER D 57 -2.99 -22.64 -1.32
N GLY D 58 -3.34 -23.68 -2.08
CA GLY D 58 -4.07 -24.79 -1.52
C GLY D 58 -5.50 -24.53 -1.08
N SER D 59 -6.09 -25.51 -0.42
CA SER D 59 -7.47 -25.41 0.04
C SER D 59 -7.70 -24.31 1.07
N SER D 60 -6.69 -24.03 1.89
CA SER D 60 -6.81 -23.01 2.93
C SER D 60 -6.51 -21.59 2.45
N GLY D 61 -5.56 -21.46 1.53
CA GLY D 61 -5.18 -20.15 1.03
C GLY D 61 -4.29 -19.43 2.03
N LYS D 62 -3.95 -20.11 3.13
CA LYS D 62 -3.09 -19.49 4.13
C LYS D 62 -1.62 -19.59 3.77
N VAL D 63 -0.97 -18.44 3.67
CA VAL D 63 0.45 -18.39 3.35
C VAL D 63 1.15 -17.60 4.43
N GLN D 64 2.19 -18.18 5.02
CA GLN D 64 2.95 -17.51 6.05
C GLN D 64 4.43 -17.52 5.73
N VAL D 65 5.06 -16.36 5.94
CA VAL D 65 6.49 -16.22 5.69
C VAL D 65 7.18 -16.09 7.05
N GLN D 66 8.25 -16.85 7.22
CA GLN D 66 9.04 -16.82 8.44
C GLN D 66 10.48 -16.55 8.03
N VAL D 67 11.18 -15.74 8.80
CA VAL D 67 12.58 -15.45 8.51
C VAL D 67 13.39 -15.63 9.77
N SER D 68 14.52 -16.30 9.65
CA SER D 68 15.40 -16.53 10.79
C SER D 68 16.85 -16.45 10.34
N VAL D 69 17.72 -16.17 11.28
CA VAL D 69 19.15 -16.10 11.01
C VAL D 69 19.82 -17.03 12.02
N ASN D 70 20.41 -18.11 11.52
CA ASN D 70 21.08 -19.08 12.38
C ASN D 70 20.15 -19.59 13.48
N GLY D 71 18.87 -19.76 13.15
CA GLY D 71 17.91 -20.27 14.12
C GLY D 71 17.18 -19.23 14.96
N ARG D 72 17.56 -17.97 14.84
CA ARG D 72 16.90 -16.92 15.60
C ARG D 72 15.88 -16.18 14.72
N PRO D 73 14.59 -16.24 15.09
CA PRO D 73 13.56 -15.56 14.30
C PRO D 73 13.79 -14.06 14.18
N SER D 74 13.62 -13.53 12.98
CA SER D 74 13.76 -12.10 12.74
C SER D 74 12.40 -11.44 12.96
N ASP D 75 12.41 -10.17 13.30
CA ASP D 75 11.16 -9.44 13.51
C ASP D 75 10.63 -9.08 12.13
N LEU D 76 9.34 -9.30 11.92
CA LEU D 76 8.74 -9.05 10.61
C LEU D 76 7.81 -7.85 10.52
N VAL D 77 7.71 -7.32 9.31
CA VAL D 77 6.79 -6.23 9.02
C VAL D 77 6.14 -6.66 7.70
N SER D 78 4.86 -6.41 7.53
CA SER D 78 4.18 -6.84 6.32
C SER D 78 2.93 -6.06 6.02
N ALA D 79 2.44 -6.20 4.79
CA ALA D 79 1.22 -5.57 4.34
C ALA D 79 0.88 -6.17 2.98
N GLN D 80 -0.37 -5.99 2.56
CA GLN D 80 -0.81 -6.47 1.26
C GLN D 80 -1.37 -5.25 0.54
N VAL D 81 -1.08 -5.13 -0.75
CA VAL D 81 -1.60 -4.02 -1.52
C VAL D 81 -2.19 -4.59 -2.80
N ILE D 82 -3.32 -4.03 -3.23
CA ILE D 82 -4.01 -4.49 -4.42
C ILE D 82 -4.14 -3.32 -5.38
N LEU D 83 -3.70 -3.51 -6.62
CA LEU D 83 -3.76 -2.49 -7.64
C LEU D 83 -4.86 -2.84 -8.63
N THR D 84 -5.59 -1.81 -9.06
CA THR D 84 -6.72 -1.91 -9.98
C THR D 84 -7.65 -3.08 -9.66
N ASN D 85 -7.82 -3.29 -8.36
CA ASN D 85 -8.70 -4.31 -7.80
C ASN D 85 -8.43 -5.72 -8.31
N GLU D 86 -7.21 -5.98 -8.78
CA GLU D 86 -6.91 -7.30 -9.32
C GLU D 86 -5.48 -7.82 -9.11
N LEU D 87 -4.50 -6.93 -9.11
CA LEU D 87 -3.10 -7.32 -8.96
C LEU D 87 -2.70 -7.24 -7.50
N ASN D 88 -2.32 -8.38 -6.93
CA ASN D 88 -1.96 -8.46 -5.52
C ASN D 88 -0.51 -8.65 -5.17
N PHE D 89 -0.07 -7.92 -4.15
CA PHE D 89 1.29 -8.04 -3.64
C PHE D 89 1.23 -8.18 -2.13
N ALA D 90 1.85 -9.25 -1.61
CA ALA D 90 1.93 -9.45 -0.17
C ALA D 90 3.41 -9.16 0.07
N LEU D 91 3.68 -8.19 0.93
CA LEU D 91 5.03 -7.72 1.19
C LEU D 91 5.54 -8.02 2.58
N VAL D 92 6.80 -8.43 2.68
CA VAL D 92 7.40 -8.73 3.97
C VAL D 92 8.82 -8.19 4.07
N GLY D 93 9.10 -7.57 5.22
CA GLY D 93 10.42 -7.06 5.52
C GLY D 93 10.81 -7.74 6.82
N SER D 94 12.10 -7.82 7.12
CA SER D 94 12.52 -8.47 8.36
C SER D 94 13.80 -7.83 8.86
N GLU D 95 13.97 -7.86 10.19
CA GLU D 95 15.13 -7.28 10.83
C GLU D 95 15.83 -8.30 11.70
N ASP D 96 17.13 -8.48 11.46
CA ASP D 96 17.93 -9.45 12.21
C ASP D 96 18.91 -8.77 13.16
N GLY D 97 18.93 -7.44 13.16
CA GLY D 97 19.87 -6.74 14.00
C GLY D 97 19.35 -5.53 14.76
N THR D 98 20.14 -4.46 14.74
CA THR D 98 19.81 -3.25 15.48
C THR D 98 19.64 -1.96 14.68
N ASP D 99 19.88 -2.00 13.37
CA ASP D 99 19.77 -0.78 12.58
C ASP D 99 18.36 -0.50 12.07
N ASN D 100 17.48 -1.47 12.25
CA ASN D 100 16.09 -1.36 11.84
C ASN D 100 15.82 -0.97 10.39
N ASP D 101 16.62 -1.47 9.45
CA ASP D 101 16.36 -1.14 8.06
C ASP D 101 15.31 -2.10 7.50
N TYR D 102 15.04 -3.17 8.24
CA TYR D 102 14.04 -4.18 7.87
C TYR D 102 14.11 -4.71 6.45
N ASN D 103 15.30 -4.74 5.88
CA ASN D 103 15.49 -5.25 4.52
C ASN D 103 16.42 -6.45 4.54
N ASP D 104 16.74 -6.95 5.73
CA ASP D 104 17.69 -8.07 5.85
C ASP D 104 17.26 -9.25 4.99
N ALA D 105 15.97 -9.52 4.99
CA ALA D 105 15.37 -10.51 4.11
C ALA D 105 14.07 -9.81 3.71
N VAL D 106 13.88 -9.62 2.41
CA VAL D 106 12.68 -8.99 1.87
C VAL D 106 11.97 -10.05 1.05
N VAL D 107 10.67 -10.21 1.26
CA VAL D 107 9.93 -11.21 0.53
C VAL D 107 8.71 -10.58 -0.13
N VAL D 108 8.52 -10.92 -1.40
CA VAL D 108 7.41 -10.42 -2.17
C VAL D 108 6.62 -11.58 -2.74
N ILE D 109 5.33 -11.57 -2.48
CA ILE D 109 4.41 -12.59 -2.97
C ILE D 109 3.48 -11.87 -3.95
N ASN D 110 3.29 -12.45 -5.12
CA ASN D 110 2.42 -11.83 -6.10
C ASN D 110 1.46 -12.81 -6.76
N TRP D 111 0.26 -12.33 -7.04
CA TRP D 111 -0.74 -13.14 -7.71
C TRP D 111 -1.77 -12.18 -8.29
N PRO D 112 -2.54 -12.61 -9.30
CA PRO D 112 -2.51 -13.92 -9.95
C PRO D 112 -1.35 -14.05 -10.93
N LEU D 113 -1.10 -15.27 -11.38
CA LEU D 113 -0.04 -15.56 -12.34
C LEU D 113 -0.65 -16.00 -13.66
N GLY D 114 0.21 -16.19 -14.66
CA GLY D 114 -0.22 -16.66 -15.95
C GLY D 114 -0.69 -15.62 -16.96
#